data_1MRJ
#
_entry.id   1MRJ
#
_cell.length_a   38.240
_cell.length_b   76.740
_cell.length_c   79.250
_cell.angle_alpha   90.00
_cell.angle_beta   90.00
_cell.angle_gamma   90.00
#
_symmetry.space_group_name_H-M   'P 21 21 21'
#
loop_
_entity.id
_entity.type
_entity.pdbx_description
1 polymer ALPHA-TRICHOSANTHIN
2 non-polymer ADENOSINE
3 water water
#
_entity_poly.entity_id   1
_entity_poly.type   'polypeptide(L)'
_entity_poly.pdbx_seq_one_letter_code
;DVSFRLSGATSSSYGVFISNLRKALPNERKLYDIPLLRSSLPGSQRYALIHLTNYADETISVAIDVTNVYIMGYRAGDTS
YFFNEASATEAAKYVFKDAMRKVTLPYSGNYERLQTAAGKIRENIPLGLPALDSAITTLFYYNANSAASALMVLIQSTSE
AARYKFIEQQIGKRVDKTFLPSLAIISLENSWSALSKQIQIASTNNGQFESPVVLINAQNQRVTITNVDAGVVTSNIALL
LNRNNMA
;
_entity_poly.pdbx_strand_id   A
#
loop_
_chem_comp.id
_chem_comp.type
_chem_comp.name
_chem_comp.formula
ADN non-polymer ADENOSINE 'C10 H13 N5 O4'
#
# COMPACT_ATOMS: atom_id res chain seq x y z
N ASP A 1 -0.75 12.76 11.19
CA ASP A 1 -0.67 11.29 11.28
C ASP A 1 -2.06 10.75 11.07
N VAL A 2 -2.14 9.46 10.75
CA VAL A 2 -3.42 8.77 10.65
C VAL A 2 -3.35 7.56 11.58
N SER A 3 -4.47 7.22 12.21
CA SER A 3 -4.52 6.08 13.12
C SER A 3 -5.60 5.11 12.71
N PHE A 4 -5.37 3.83 13.00
CA PHE A 4 -6.42 2.81 12.94
C PHE A 4 -6.28 1.86 14.14
N ARG A 5 -7.40 1.63 14.82
CA ARG A 5 -7.48 0.74 15.96
C ARG A 5 -8.31 -0.46 15.56
N LEU A 6 -7.76 -1.65 15.73
CA LEU A 6 -8.47 -2.87 15.38
C LEU A 6 -9.52 -3.27 16.41
N SER A 7 -9.33 -2.91 17.66
CA SER A 7 -10.35 -3.23 18.65
C SER A 7 -11.61 -2.41 18.38
N GLY A 8 -12.71 -3.11 18.16
CA GLY A 8 -13.96 -2.46 17.82
C GLY A 8 -14.05 -2.00 16.39
N ALA A 9 -13.09 -2.41 15.55
CA ALA A 9 -13.09 -2.05 14.13
C ALA A 9 -14.28 -2.66 13.40
N THR A 10 -14.77 -1.94 12.40
CA THR A 10 -15.85 -2.39 11.53
C THR A 10 -15.43 -2.09 10.11
N SER A 11 -16.21 -2.56 9.14
CA SER A 11 -16.04 -2.19 7.72
C SER A 11 -15.99 -0.68 7.55
N SER A 12 -16.93 0.00 8.20
CA SER A 12 -17.01 1.46 8.17
C SER A 12 -15.75 2.14 8.67
N SER A 13 -15.22 1.69 9.81
CA SER A 13 -14.09 2.37 10.42
C SER A 13 -12.81 2.12 9.60
N TYR A 14 -12.74 0.97 8.96
CA TYR A 14 -11.63 0.73 8.06
C TYR A 14 -11.69 1.66 6.84
N GLY A 15 -12.88 1.82 6.26
CA GLY A 15 -13.04 2.73 5.12
C GLY A 15 -12.69 4.16 5.50
N VAL A 16 -13.11 4.57 6.68
CA VAL A 16 -12.75 5.89 7.21
C VAL A 16 -11.24 6.02 7.27
N PHE A 17 -10.59 4.99 7.80
CA PHE A 17 -9.14 4.98 7.90
C PHE A 17 -8.47 5.11 6.51
N ILE A 18 -8.93 4.34 5.54
CA ILE A 18 -8.34 4.38 4.20
C ILE A 18 -8.58 5.73 3.52
N SER A 19 -9.76 6.31 3.75
CA SER A 19 -10.03 7.68 3.28
C SER A 19 -9.03 8.70 3.84
N ASN A 20 -8.83 8.68 5.15
CA ASN A 20 -7.94 9.62 5.80
C ASN A 20 -6.54 9.41 5.26
N LEU A 21 -6.18 8.16 5.03
CA LEU A 21 -4.85 7.87 4.50
C LEU A 21 -4.67 8.54 3.13
N ARG A 22 -5.67 8.39 2.26
CA ARG A 22 -5.63 9.07 0.95
C ARG A 22 -5.56 10.60 1.12
N LYS A 23 -6.38 11.14 2.01
CA LYS A 23 -6.38 12.59 2.25
C LYS A 23 -5.04 13.09 2.78
N ALA A 24 -4.26 12.21 3.40
CA ALA A 24 -2.95 12.59 3.90
C ALA A 24 -1.93 12.84 2.78
N LEU A 25 -2.24 12.38 1.57
CA LEU A 25 -1.25 12.44 0.50
C LEU A 25 -1.49 13.71 -0.32
N PRO A 26 -0.42 14.51 -0.50
CA PRO A 26 -0.58 15.72 -1.28
C PRO A 26 -0.69 15.47 -2.80
N ASN A 27 -1.54 16.25 -3.47
CA ASN A 27 -1.62 16.20 -4.93
C ASN A 27 -1.83 17.61 -5.46
N GLU A 28 -1.22 17.90 -6.59
CA GLU A 28 -1.50 19.15 -7.26
C GLU A 28 -2.65 19.06 -8.27
N ARG A 29 -2.66 18.00 -9.07
CA ARG A 29 -3.70 17.82 -10.10
C ARG A 29 -4.60 16.64 -9.76
N LYS A 30 -5.80 16.64 -10.35
CA LYS A 30 -6.55 15.40 -10.56
C LYS A 30 -6.65 15.17 -12.05
N LEU A 31 -6.43 13.94 -12.48
CA LEU A 31 -6.70 13.57 -13.86
C LEU A 31 -7.90 12.65 -13.81
N TYR A 32 -8.95 13.03 -14.52
CA TYR A 32 -10.19 12.25 -14.54
C TYR A 32 -10.72 12.04 -13.13
N ASP A 33 -10.59 13.07 -12.29
CA ASP A 33 -11.03 13.05 -10.90
C ASP A 33 -10.19 12.17 -9.99
N ILE A 34 -9.06 11.69 -10.49
CA ILE A 34 -8.19 10.88 -9.64
C ILE A 34 -6.99 11.71 -9.24
N PRO A 35 -6.70 11.79 -7.93
CA PRO A 35 -5.49 12.42 -7.41
C PRO A 35 -4.23 11.95 -8.11
N LEU A 36 -3.49 12.91 -8.68
CA LEU A 36 -2.14 12.65 -9.18
C LEU A 36 -1.13 13.04 -8.12
N LEU A 37 -0.35 12.06 -7.67
CA LEU A 37 0.64 12.29 -6.61
C LEU A 37 1.80 13.13 -7.13
N ARG A 38 2.47 13.80 -6.21
CA ARG A 38 3.59 14.68 -6.51
C ARG A 38 4.81 13.90 -6.97
N SER A 39 5.69 14.57 -7.69
CA SER A 39 6.88 13.94 -8.24
C SER A 39 8.01 13.96 -7.22
N SER A 40 8.18 15.08 -6.53
CA SER A 40 9.28 15.27 -5.58
C SER A 40 8.84 16.16 -4.44
N LEU A 41 9.19 15.79 -3.22
CA LEU A 41 8.95 16.62 -2.04
C LEU A 41 10.20 16.62 -1.17
N PRO A 42 10.48 17.77 -0.48
CA PRO A 42 11.61 17.75 0.43
C PRO A 42 11.36 16.79 1.58
N GLY A 43 12.43 16.36 2.23
CA GLY A 43 12.33 15.37 3.29
C GLY A 43 11.29 15.66 4.36
N SER A 44 11.14 16.94 4.73
CA SER A 44 10.26 17.35 5.83
C SER A 44 8.80 17.29 5.43
N GLN A 45 8.56 17.04 4.15
CA GLN A 45 7.22 17.00 3.64
C GLN A 45 6.90 15.59 3.11
N ARG A 46 7.93 14.74 3.01
CA ARG A 46 7.86 13.56 2.16
C ARG A 46 7.19 12.36 2.83
N TYR A 47 7.17 12.34 4.17
CA TYR A 47 6.75 11.13 4.90
C TYR A 47 5.57 11.34 5.84
N ALA A 48 4.73 10.32 5.93
CA ALA A 48 3.56 10.37 6.80
C ALA A 48 3.63 9.14 7.71
N LEU A 49 3.17 9.29 8.95
CA LEU A 49 3.18 8.20 9.92
C LEU A 49 1.74 7.71 10.03
N ILE A 50 1.56 6.41 10.00
CA ILE A 50 0.28 5.86 10.39
C ILE A 50 0.47 4.93 11.58
N HIS A 51 -0.39 5.10 12.57
CA HIS A 51 -0.30 4.30 13.79
C HIS A 51 -1.39 3.22 13.77
N LEU A 52 -0.98 1.98 13.98
CA LEU A 52 -1.91 0.84 13.91
C LEU A 52 -1.84 0.12 15.24
N THR A 53 -3.01 -0.10 15.84
CA THR A 53 -3.08 -0.75 17.15
C THR A 53 -3.95 -2.00 17.02
N ASN A 54 -3.40 -3.13 17.47
CA ASN A 54 -4.08 -4.42 17.36
C ASN A 54 -5.07 -4.67 18.50
N TYR A 55 -5.67 -5.86 18.53
CA TYR A 55 -6.70 -6.16 19.53
C TYR A 55 -6.12 -6.09 20.93
N ALA A 56 -4.85 -6.44 21.09
CA ALA A 56 -4.20 -6.44 22.41
C ALA A 56 -3.62 -5.08 22.75
N ASP A 57 -4.02 -4.05 22.00
CA ASP A 57 -3.54 -2.68 22.21
C ASP A 57 -2.04 -2.53 22.16
N GLU A 58 -1.42 -3.32 21.29
CA GLU A 58 -0.03 -3.14 20.93
C GLU A 58 0.03 -2.29 19.64
N THR A 59 0.86 -1.26 19.63
CA THR A 59 0.89 -0.28 18.54
C THR A 59 2.23 -0.33 17.78
N ILE A 60 2.16 -0.27 16.44
CA ILE A 60 3.32 0.06 15.62
C ILE A 60 2.99 1.31 14.81
N SER A 61 4.04 2.06 14.50
CA SER A 61 3.96 3.24 13.65
C SER A 61 4.68 2.95 12.35
N VAL A 62 4.04 3.24 11.23
CA VAL A 62 4.57 2.89 9.91
C VAL A 62 4.86 4.17 9.13
N ALA A 63 6.05 4.28 8.56
CA ALA A 63 6.40 5.43 7.73
C ALA A 63 6.13 5.16 6.27
N ILE A 64 5.36 6.04 5.63
CA ILE A 64 5.11 5.94 4.19
C ILE A 64 5.63 7.16 3.47
N ASP A 65 6.18 6.92 2.29
CA ASP A 65 6.53 7.98 1.36
C ASP A 65 5.23 8.46 0.68
N VAL A 66 4.87 9.72 0.89
CA VAL A 66 3.63 10.25 0.30
C VAL A 66 3.63 10.46 -1.22
N THR A 67 4.79 10.33 -1.87
CA THR A 67 4.79 10.44 -3.33
C THR A 67 4.46 9.14 -4.04
N ASN A 68 4.67 8.00 -3.39
CA ASN A 68 4.39 6.72 -4.03
C ASN A 68 3.63 5.72 -3.15
N VAL A 69 3.29 6.16 -1.94
CA VAL A 69 2.57 5.34 -0.96
C VAL A 69 3.38 4.09 -0.56
N TYR A 70 4.69 4.14 -0.72
CA TYR A 70 5.53 3.00 -0.33
C TYR A 70 5.81 3.02 1.18
N ILE A 71 5.70 1.86 1.80
CA ILE A 71 6.11 1.71 3.19
C ILE A 71 7.63 1.63 3.28
N MET A 72 8.20 2.55 4.04
CA MET A 72 9.64 2.70 4.20
C MET A 72 10.15 1.84 5.33
N GLY A 73 9.35 1.75 6.40
CA GLY A 73 9.78 1.02 7.57
C GLY A 73 8.76 1.23 8.65
N TYR A 74 9.04 0.74 9.86
CA TYR A 74 8.10 0.90 10.96
C TYR A 74 8.85 0.99 12.28
N ARG A 75 8.13 1.39 13.31
CA ARG A 75 8.68 1.44 14.65
C ARG A 75 7.82 0.64 15.62
N ALA A 76 8.48 -0.06 16.52
CA ALA A 76 7.80 -0.80 17.58
C ALA A 76 8.56 -0.49 18.87
N GLY A 77 7.97 0.37 19.69
CA GLY A 77 8.64 0.80 20.91
C GLY A 77 9.86 1.63 20.62
N ASP A 78 11.02 1.13 21.01
CA ASP A 78 12.25 1.90 20.93
C ASP A 78 13.12 1.43 19.77
N THR A 79 12.56 0.56 18.93
CA THR A 79 13.33 0.02 17.82
C THR A 79 12.62 0.37 16.53
N SER A 80 13.39 0.86 15.56
CA SER A 80 12.87 1.10 14.22
C SER A 80 13.38 0.02 13.27
N TYR A 81 12.61 -0.22 12.21
CA TYR A 81 12.97 -1.20 11.21
C TYR A 81 12.82 -0.54 9.86
N PHE A 82 13.84 -0.64 9.02
CA PHE A 82 13.78 -0.08 7.67
C PHE A 82 14.11 -1.14 6.65
N PHE A 83 13.46 -1.08 5.50
CA PHE A 83 13.81 -1.91 4.36
C PHE A 83 15.23 -1.60 3.90
N ASN A 84 15.86 -2.59 3.32
CA ASN A 84 17.21 -2.46 2.84
C ASN A 84 17.17 -1.94 1.41
N GLU A 85 16.90 -0.64 1.29
CA GLU A 85 16.93 0.02 0.01
C GLU A 85 17.20 1.51 0.18
N ALA A 86 17.57 2.16 -0.92
CA ALA A 86 18.12 3.50 -0.87
C ALA A 86 17.09 4.52 -0.40
N SER A 87 15.85 4.39 -0.85
CA SER A 87 14.80 5.31 -0.42
C SER A 87 14.49 5.15 1.08
N ALA A 88 14.60 3.92 1.59
CA ALA A 88 14.41 3.69 3.02
C ALA A 88 15.52 4.31 3.88
N THR A 89 16.76 4.29 3.38
CA THR A 89 17.85 4.91 4.16
C THR A 89 17.75 6.44 4.17
N GLU A 90 17.23 7.01 3.10
CA GLU A 90 16.86 8.42 3.08
C GLU A 90 15.76 8.70 4.09
N ALA A 91 14.71 7.88 4.08
CA ALA A 91 13.64 8.00 5.05
C ALA A 91 14.17 8.02 6.49
N ALA A 92 15.17 7.19 6.76
CA ALA A 92 15.73 7.07 8.11
C ALA A 92 16.31 8.37 8.65
N LYS A 93 16.58 9.32 7.77
CA LYS A 93 17.10 10.63 8.17
C LYS A 93 16.00 11.51 8.77
N TYR A 94 14.75 11.16 8.50
CA TYR A 94 13.65 12.04 8.83
C TYR A 94 12.67 11.47 9.84
N VAL A 95 12.43 10.16 9.79
CA VAL A 95 11.44 9.57 10.68
C VAL A 95 12.07 8.68 11.76
N PHE A 96 11.38 8.57 12.89
CA PHE A 96 11.76 7.68 14.00
C PHE A 96 13.15 8.00 14.55
N LYS A 97 13.48 9.29 14.61
CA LYS A 97 14.84 9.73 14.92
C LYS A 97 15.24 9.46 16.37
N ASP A 98 14.23 9.36 17.24
CA ASP A 98 14.47 9.16 18.67
C ASP A 98 14.55 7.68 19.05
N ALA A 99 14.32 6.80 18.08
CA ALA A 99 14.44 5.36 18.33
C ALA A 99 15.86 5.05 18.82
N MET A 100 15.99 4.17 19.81
CA MET A 100 17.30 3.83 20.36
C MET A 100 18.03 2.80 19.52
N ARG A 101 17.27 1.81 19.06
CA ARG A 101 17.72 0.75 18.14
C ARG A 101 17.15 1.03 16.75
N LYS A 102 18.01 0.96 15.74
CA LYS A 102 17.56 0.85 14.34
C LYS A 102 18.08 -0.43 13.68
N VAL A 103 17.18 -1.27 13.18
CA VAL A 103 17.61 -2.42 12.40
C VAL A 103 17.24 -2.27 10.92
N THR A 104 18.18 -2.63 10.06
CA THR A 104 17.92 -2.68 8.63
C THR A 104 17.53 -4.11 8.24
N LEU A 105 16.35 -4.24 7.63
CA LEU A 105 15.83 -5.56 7.28
C LEU A 105 16.67 -6.10 6.13
N PRO A 106 16.73 -7.44 6.00
CA PRO A 106 17.62 -8.08 5.02
C PRO A 106 17.10 -8.08 3.60
N TYR A 107 16.08 -7.29 3.33
CA TYR A 107 15.47 -7.25 2.01
C TYR A 107 14.88 -5.89 1.81
N SER A 108 14.73 -5.51 0.54
CA SER A 108 13.98 -4.33 0.13
C SER A 108 12.49 -4.62 0.27
N GLY A 109 11.67 -3.60 0.00
CA GLY A 109 10.24 -3.73 0.19
C GLY A 109 9.46 -4.20 -1.02
N ASN A 110 10.11 -4.80 -2.02
CA ASN A 110 9.36 -5.18 -3.21
C ASN A 110 8.86 -6.61 -3.07
N TYR A 111 7.76 -6.91 -3.74
CA TYR A 111 7.09 -8.20 -3.56
C TYR A 111 7.94 -9.40 -3.92
N GLU A 112 8.78 -9.30 -4.94
CA GLU A 112 9.52 -10.48 -5.35
C GLU A 112 10.52 -10.86 -4.26
N ARG A 113 11.13 -9.86 -3.62
CA ARG A 113 12.00 -10.10 -2.46
C ARG A 113 11.23 -10.67 -1.27
N LEU A 114 10.11 -10.04 -0.95
CA LEU A 114 9.30 -10.39 0.20
C LEU A 114 8.71 -11.79 0.08
N GLN A 115 8.21 -12.13 -1.12
CA GLN A 115 7.64 -13.46 -1.34
C GLN A 115 8.69 -14.55 -1.22
N THR A 116 9.86 -14.29 -1.80
CA THR A 116 11.02 -15.16 -1.62
C THR A 116 11.39 -15.33 -0.14
N ALA A 117 11.49 -14.22 0.57
CA ALA A 117 11.78 -14.25 1.99
C ALA A 117 10.70 -14.99 2.76
N ALA A 118 9.44 -14.75 2.43
CA ALA A 118 8.35 -15.38 3.16
C ALA A 118 8.22 -16.84 2.76
N GLY A 119 8.64 -17.16 1.54
CA GLY A 119 8.46 -18.51 1.04
C GLY A 119 7.00 -18.81 0.73
N LYS A 120 6.26 -17.77 0.40
CA LYS A 120 4.82 -17.87 0.13
C LYS A 120 4.50 -16.78 -0.92
N ILE A 121 3.65 -17.10 -1.88
CA ILE A 121 3.19 -16.09 -2.84
C ILE A 121 1.99 -15.38 -2.26
N ARG A 122 1.69 -14.20 -2.82
CA ARG A 122 0.62 -13.33 -2.31
C ARG A 122 -0.76 -14.01 -2.26
N GLU A 123 -1.10 -14.76 -3.30
CA GLU A 123 -2.37 -15.48 -3.34
C GLU A 123 -2.59 -16.48 -2.19
N ASN A 124 -1.50 -16.86 -1.51
CA ASN A 124 -1.62 -17.84 -0.43
C ASN A 124 -1.52 -17.24 0.96
N ILE A 125 -1.54 -15.93 1.05
CA ILE A 125 -1.43 -15.24 2.33
C ILE A 125 -2.75 -14.56 2.69
N PRO A 126 -3.34 -14.95 3.85
CA PRO A 126 -4.67 -14.44 4.22
C PRO A 126 -4.70 -12.91 4.44
N LEU A 127 -5.70 -12.24 3.88
CA LEU A 127 -6.01 -10.86 4.22
C LEU A 127 -7.35 -10.73 4.97
N GLY A 128 -7.69 -9.51 5.33
CA GLY A 128 -8.81 -9.29 6.23
C GLY A 128 -8.34 -8.66 7.52
N LEU A 129 -9.27 -8.09 8.29
CA LEU A 129 -8.88 -7.37 9.50
C LEU A 129 -8.21 -8.24 10.58
N PRO A 130 -8.67 -9.51 10.77
CA PRO A 130 -7.95 -10.35 11.71
C PRO A 130 -6.51 -10.65 11.25
N ALA A 131 -6.30 -10.67 9.94
CA ALA A 131 -4.96 -10.86 9.38
C ALA A 131 -4.05 -9.67 9.70
N LEU A 132 -4.63 -8.47 9.67
CA LEU A 132 -3.89 -7.26 10.00
C LEU A 132 -3.50 -7.22 11.49
N ASP A 133 -4.41 -7.64 12.37
CA ASP A 133 -4.09 -7.80 13.79
C ASP A 133 -2.86 -8.72 14.01
N SER A 134 -2.90 -9.88 13.38
CA SER A 134 -1.81 -10.86 13.44
C SER A 134 -0.48 -10.29 12.91
N ALA A 135 -0.54 -9.58 11.78
CA ALA A 135 0.65 -8.92 11.24
C ALA A 135 1.24 -7.90 12.24
N ILE A 136 0.39 -7.08 12.84
CA ILE A 136 0.86 -6.12 13.82
C ILE A 136 1.54 -6.82 15.00
N THR A 137 0.96 -7.93 15.46
CA THR A 137 1.56 -8.67 16.57
C THR A 137 2.95 -9.22 16.22
N THR A 138 3.04 -9.76 15.01
CA THR A 138 4.26 -10.34 14.49
C THR A 138 5.36 -9.32 14.29
N LEU A 139 5.00 -8.14 13.81
CA LEU A 139 5.99 -7.05 13.67
C LEU A 139 6.36 -6.39 15.01
N PHE A 140 5.37 -6.20 15.88
CA PHE A 140 5.62 -5.67 17.23
C PHE A 140 6.65 -6.52 17.98
N TYR A 141 6.41 -7.83 18.02
CA TYR A 141 7.37 -8.78 18.59
C TYR A 141 8.19 -9.38 17.45
N TYR A 142 9.00 -8.54 16.82
CA TYR A 142 9.74 -8.91 15.62
C TYR A 142 10.39 -10.29 15.68
N ASN A 143 9.91 -11.18 14.81
CA ASN A 143 10.57 -12.43 14.55
C ASN A 143 10.97 -12.41 13.09
N ALA A 144 12.28 -12.49 12.85
CA ALA A 144 12.82 -12.39 11.50
C ALA A 144 12.05 -13.26 10.51
N ASN A 145 11.71 -14.47 10.95
CA ASN A 145 11.21 -15.50 10.05
C ASN A 145 9.72 -15.39 9.74
N SER A 146 9.04 -14.48 10.42
CA SER A 146 7.61 -14.24 10.15
C SER A 146 7.38 -12.83 9.56
N ALA A 147 8.40 -11.99 9.66
CA ALA A 147 8.27 -10.59 9.29
C ALA A 147 7.85 -10.36 7.83
N ALA A 148 8.38 -11.13 6.89
CA ALA A 148 8.14 -10.86 5.49
C ALA A 148 6.66 -11.03 5.13
N SER A 149 6.07 -12.12 5.60
CA SER A 149 4.64 -12.39 5.38
C SER A 149 3.80 -11.29 6.04
N ALA A 150 4.16 -10.91 7.26
CA ALA A 150 3.45 -9.85 7.98
C ALA A 150 3.56 -8.50 7.26
N LEU A 151 4.74 -8.19 6.73
CA LEU A 151 4.92 -6.97 5.95
C LEU A 151 4.04 -6.95 4.70
N MET A 152 3.85 -8.12 4.07
CA MET A 152 2.96 -8.20 2.90
C MET A 152 1.50 -8.00 3.22
N VAL A 153 1.08 -8.44 4.40
CA VAL A 153 -0.28 -8.13 4.83
C VAL A 153 -0.39 -6.63 5.11
N LEU A 154 0.59 -6.08 5.81
CA LEU A 154 0.60 -4.67 6.15
C LEU A 154 0.54 -3.81 4.87
N ILE A 155 1.39 -4.10 3.90
CA ILE A 155 1.46 -3.32 2.66
C ILE A 155 0.10 -3.36 1.94
N GLN A 156 -0.49 -4.53 1.87
CA GLN A 156 -1.70 -4.71 1.10
C GLN A 156 -2.89 -4.06 1.78
N SER A 157 -2.85 -4.07 3.11
CA SER A 157 -3.93 -3.49 3.92
C SER A 157 -3.87 -1.96 3.99
N THR A 158 -2.76 -1.36 3.58
CA THR A 158 -2.62 0.09 3.71
C THR A 158 -2.36 0.70 2.33
N SER A 159 -1.15 0.51 1.81
CA SER A 159 -0.80 1.08 0.52
C SER A 159 -1.73 0.62 -0.60
N GLU A 160 -1.92 -0.69 -0.75
CA GLU A 160 -2.70 -1.20 -1.87
C GLU A 160 -4.19 -0.87 -1.75
N ALA A 161 -4.69 -0.87 -0.52
CA ALA A 161 -6.05 -0.42 -0.25
C ALA A 161 -6.23 1.07 -0.61
N ALA A 162 -5.21 1.88 -0.32
CA ALA A 162 -5.20 3.31 -0.70
C ALA A 162 -5.29 3.52 -2.23
N ARG A 163 -4.58 2.67 -2.97
CA ARG A 163 -4.48 2.81 -4.43
C ARG A 163 -5.76 2.42 -5.19
N TYR A 164 -6.53 1.48 -4.64
CA TYR A 164 -7.67 0.89 -5.34
C TYR A 164 -8.88 0.73 -4.41
N LYS A 165 -10.03 1.29 -4.83
CA LYS A 165 -11.27 1.10 -4.08
C LYS A 165 -11.67 -0.38 -3.95
N PHE A 166 -11.43 -1.17 -4.99
CA PHE A 166 -11.81 -2.58 -4.93
C PHE A 166 -11.06 -3.34 -3.83
N ILE A 167 -9.77 -3.04 -3.66
CA ILE A 167 -8.97 -3.71 -2.63
C ILE A 167 -9.38 -3.25 -1.23
N GLU A 168 -9.59 -1.94 -1.06
CA GLU A 168 -10.16 -1.42 0.17
C GLU A 168 -11.43 -2.17 0.56
N GLN A 169 -12.38 -2.24 -0.36
CA GLN A 169 -13.66 -2.88 -0.11
C GLN A 169 -13.50 -4.37 0.19
N GLN A 170 -12.63 -5.06 -0.55
CA GLN A 170 -12.43 -6.50 -0.32
C GLN A 170 -11.83 -6.80 1.06
N ILE A 171 -10.88 -5.99 1.51
CA ILE A 171 -10.29 -6.19 2.84
C ILE A 171 -11.25 -5.73 3.94
N GLY A 172 -11.91 -4.61 3.74
CA GLY A 172 -12.75 -4.04 4.78
C GLY A 172 -13.94 -4.93 5.12
N LYS A 173 -14.36 -5.72 4.14
CA LYS A 173 -15.50 -6.61 4.27
C LYS A 173 -15.23 -7.68 5.31
N ARG A 174 -13.97 -8.09 5.44
CA ARG A 174 -13.62 -9.23 6.30
C ARG A 174 -13.22 -8.76 7.72
N VAL A 175 -14.22 -8.59 8.57
CA VAL A 175 -14.00 -8.02 9.90
C VAL A 175 -13.61 -9.11 10.89
N ASP A 176 -14.30 -10.24 10.79
CA ASP A 176 -14.14 -11.34 11.74
C ASP A 176 -13.63 -12.62 11.07
N LYS A 177 -13.39 -12.55 9.76
CA LYS A 177 -12.83 -13.67 9.01
C LYS A 177 -11.70 -13.20 8.10
N THR A 178 -10.99 -14.15 7.49
CA THR A 178 -9.94 -13.84 6.54
C THR A 178 -10.20 -14.51 5.18
N PHE A 179 -9.47 -14.06 4.17
CA PHE A 179 -9.68 -14.54 2.81
C PHE A 179 -8.39 -14.48 2.03
N LEU A 180 -8.32 -15.31 1.00
CA LEU A 180 -7.16 -15.33 0.11
C LEU A 180 -7.50 -14.40 -1.04
N PRO A 181 -6.57 -13.48 -1.35
CA PRO A 181 -6.79 -12.55 -2.47
C PRO A 181 -6.85 -13.25 -3.83
N SER A 182 -7.82 -12.87 -4.65
CA SER A 182 -7.94 -13.39 -6.01
C SER A 182 -6.87 -12.80 -6.92
N LEU A 183 -6.80 -13.30 -8.14
CA LEU A 183 -5.87 -12.76 -9.12
C LEU A 183 -6.29 -11.36 -9.58
N ALA A 184 -7.57 -11.02 -9.42
CA ALA A 184 -7.99 -9.63 -9.70
C ALA A 184 -7.22 -8.64 -8.81
N ILE A 185 -7.16 -8.96 -7.52
CA ILE A 185 -6.40 -8.15 -6.56
C ILE A 185 -4.90 -8.13 -6.88
N ILE A 186 -4.31 -9.30 -7.13
CA ILE A 186 -2.90 -9.39 -7.49
C ILE A 186 -2.57 -8.58 -8.78
N SER A 187 -3.42 -8.65 -9.81
CA SER A 187 -3.10 -7.94 -11.04
C SER A 187 -3.25 -6.42 -10.88
N LEU A 188 -4.21 -5.97 -10.07
CA LEU A 188 -4.30 -4.54 -9.75
C LEU A 188 -3.02 -4.09 -9.07
N GLU A 189 -2.56 -4.87 -8.09
CA GLU A 189 -1.29 -4.60 -7.42
C GLU A 189 -0.11 -4.54 -8.40
N ASN A 190 -0.06 -5.50 -9.33
CA ASN A 190 1.02 -5.55 -10.32
C ASN A 190 1.00 -4.35 -11.27
N SER A 191 -0.19 -3.84 -11.54
CA SER A 191 -0.40 -2.92 -12.66
C SER A 191 -0.54 -1.44 -12.32
N TRP A 192 -0.34 -1.07 -11.06
CA TRP A 192 -0.57 0.32 -10.65
C TRP A 192 0.29 1.33 -11.40
N SER A 193 1.57 1.00 -11.60
CA SER A 193 2.51 1.91 -12.23
C SER A 193 2.11 2.08 -13.69
N ALA A 194 1.81 0.96 -14.35
CA ALA A 194 1.43 0.98 -15.77
C ALA A 194 0.13 1.73 -16.00
N LEU A 195 -0.88 1.43 -15.20
CA LEU A 195 -2.17 2.13 -15.27
C LEU A 195 -1.96 3.64 -15.09
N SER A 196 -1.22 4.02 -14.05
CA SER A 196 -0.96 5.41 -13.77
C SER A 196 -0.33 6.09 -14.99
N LYS A 197 0.70 5.45 -15.56
CA LYS A 197 1.42 6.01 -16.71
C LYS A 197 0.48 6.24 -17.89
N GLN A 198 -0.32 5.22 -18.20
CA GLN A 198 -1.21 5.27 -19.37
C GLN A 198 -2.34 6.29 -19.21
N ILE A 199 -2.79 6.49 -17.96
CA ILE A 199 -3.86 7.44 -17.69
C ILE A 199 -3.36 8.88 -17.88
N GLN A 200 -2.12 9.10 -17.50
CA GLN A 200 -1.48 10.38 -17.71
C GLN A 200 -1.32 10.62 -19.22
N ILE A 201 -0.87 9.61 -19.95
CA ILE A 201 -0.79 9.69 -21.41
C ILE A 201 -2.17 9.93 -22.06
N ALA A 202 -3.18 9.20 -21.58
CA ALA A 202 -4.52 9.29 -22.15
C ALA A 202 -5.04 10.73 -22.12
N SER A 203 -4.66 11.48 -21.09
CA SER A 203 -5.16 12.85 -20.90
C SER A 203 -4.60 13.76 -21.99
N THR A 204 -3.53 13.31 -22.63
CA THR A 204 -2.91 14.00 -23.75
C THR A 204 -3.32 13.36 -25.10
N ASN A 205 -4.12 12.30 -25.03
CA ASN A 205 -4.33 11.43 -26.19
C ASN A 205 -5.81 11.07 -26.35
N ASN A 206 -6.67 12.04 -26.06
CA ASN A 206 -8.12 11.88 -26.16
C ASN A 206 -8.64 10.64 -25.44
N GLY A 207 -8.10 10.41 -24.25
CA GLY A 207 -8.61 9.36 -23.40
C GLY A 207 -8.17 7.95 -23.79
N GLN A 208 -7.25 7.86 -24.73
CA GLN A 208 -6.75 6.59 -25.18
C GLN A 208 -5.35 6.29 -24.67
N PHE A 209 -5.16 5.07 -24.19
CA PHE A 209 -3.83 4.61 -23.74
C PHE A 209 -2.97 4.49 -24.98
N GLU A 210 -1.67 4.67 -24.80
CA GLU A 210 -0.71 4.38 -25.85
C GLU A 210 -0.43 2.87 -25.88
N SER A 211 -0.38 2.28 -24.70
CA SER A 211 -0.14 0.85 -24.60
C SER A 211 -1.16 0.24 -23.64
N PRO A 212 -1.83 -0.83 -24.08
CA PRO A 212 -2.85 -1.47 -23.25
C PRO A 212 -2.27 -2.02 -21.96
N VAL A 213 -3.15 -2.20 -20.99
CA VAL A 213 -2.81 -2.87 -19.75
C VAL A 213 -3.74 -4.09 -19.67
N VAL A 214 -3.15 -5.26 -19.49
CA VAL A 214 -3.88 -6.50 -19.31
C VAL A 214 -4.08 -6.75 -17.82
N LEU A 215 -5.34 -6.85 -17.42
CA LEU A 215 -5.71 -7.09 -16.04
C LEU A 215 -6.43 -8.44 -16.01
N ILE A 216 -6.66 -8.95 -14.81
CA ILE A 216 -7.49 -10.13 -14.65
C ILE A 216 -8.70 -9.67 -13.88
N ASN A 217 -9.88 -9.99 -14.41
CA ASN A 217 -11.11 -9.52 -13.77
C ASN A 217 -11.63 -10.49 -12.71
N ALA A 218 -12.73 -10.14 -12.08
CA ALA A 218 -13.29 -10.93 -10.99
C ALA A 218 -13.86 -12.27 -11.44
N GLN A 219 -13.92 -12.48 -12.76
CA GLN A 219 -14.25 -13.80 -13.30
C GLN A 219 -12.97 -14.52 -13.74
N ASN A 220 -11.81 -13.96 -13.39
CA ASN A 220 -10.52 -14.59 -13.65
C ASN A 220 -10.08 -14.55 -15.10
N GLN A 221 -10.74 -13.74 -15.92
CA GLN A 221 -10.35 -13.66 -17.32
C GLN A 221 -9.44 -12.46 -17.58
N ARG A 222 -8.41 -12.70 -18.40
CA ARG A 222 -7.50 -11.64 -18.83
C ARG A 222 -8.30 -10.66 -19.68
N VAL A 223 -8.26 -9.38 -19.30
CA VAL A 223 -8.96 -8.34 -20.04
C VAL A 223 -7.94 -7.30 -20.47
N THR A 224 -8.13 -6.72 -21.65
CA THR A 224 -7.22 -5.69 -22.13
C THR A 224 -7.83 -4.30 -21.99
N ILE A 225 -7.14 -3.45 -21.24
CA ILE A 225 -7.60 -2.11 -20.89
C ILE A 225 -6.89 -1.10 -21.78
N THR A 226 -7.66 -0.25 -22.49
CA THR A 226 -7.10 0.63 -23.52
C THR A 226 -7.52 2.11 -23.42
N ASN A 227 -8.41 2.44 -22.51
CA ASN A 227 -8.84 3.82 -22.37
C ASN A 227 -9.46 4.14 -21.01
N VAL A 228 -9.79 5.40 -20.80
CA VAL A 228 -10.26 5.89 -19.50
C VAL A 228 -11.73 5.65 -19.23
N ASP A 229 -12.46 5.10 -20.22
CA ASP A 229 -13.85 4.71 -19.99
C ASP A 229 -13.99 3.30 -19.40
N ALA A 230 -12.86 2.62 -19.22
CA ALA A 230 -12.86 1.29 -18.62
C ALA A 230 -13.20 1.42 -17.13
N GLY A 231 -13.81 0.39 -16.56
CA GLY A 231 -14.26 0.45 -15.18
C GLY A 231 -13.13 0.63 -14.17
N VAL A 232 -11.98 0.03 -14.45
CA VAL A 232 -10.85 0.17 -13.53
C VAL A 232 -10.44 1.63 -13.38
N VAL A 233 -10.67 2.43 -14.42
CA VAL A 233 -10.32 3.84 -14.39
C VAL A 233 -11.46 4.67 -13.78
N THR A 234 -12.69 4.39 -14.19
CA THR A 234 -13.84 5.20 -13.79
C THR A 234 -14.21 5.00 -12.31
N SER A 235 -13.96 3.80 -11.79
CA SER A 235 -14.64 3.35 -10.59
C SER A 235 -13.78 2.62 -9.58
N ASN A 236 -12.46 2.58 -9.80
CA ASN A 236 -11.60 1.74 -8.99
C ASN A 236 -10.28 2.40 -8.54
N ILE A 237 -9.36 2.63 -9.49
CA ILE A 237 -8.09 3.27 -9.14
C ILE A 237 -8.31 4.64 -8.45
N ALA A 238 -7.63 4.89 -7.34
CA ALA A 238 -7.92 6.03 -6.46
C ALA A 238 -6.75 7.01 -6.29
N LEU A 239 -5.58 6.62 -6.75
CA LEU A 239 -4.37 7.45 -6.72
C LEU A 239 -3.57 7.16 -7.98
N LEU A 240 -2.94 8.20 -8.50
CA LEU A 240 -2.07 8.03 -9.66
C LEU A 240 -0.62 8.30 -9.28
N LEU A 241 0.24 7.35 -9.59
CA LEU A 241 1.68 7.55 -9.44
C LEU A 241 2.13 8.49 -10.55
N ASN A 242 2.84 9.55 -10.15
CA ASN A 242 3.36 10.51 -11.11
C ASN A 242 4.30 9.83 -12.12
N ARG A 243 4.20 10.24 -13.38
CA ARG A 243 5.01 9.64 -14.45
C ARG A 243 6.52 9.79 -14.18
N ASN A 244 6.90 10.81 -13.42
CA ASN A 244 8.30 10.99 -13.06
C ASN A 244 8.83 9.97 -12.05
N ASN A 245 7.95 9.20 -11.43
CA ASN A 245 8.38 8.11 -10.57
C ASN A 245 8.34 6.76 -11.30
N MET A 246 7.57 6.68 -12.38
CA MET A 246 7.89 5.72 -13.44
C MET A 246 9.23 6.18 -14.01
N ALA A 247 10.06 5.22 -14.43
CA ALA A 247 11.32 5.55 -15.08
C ALA A 247 11.36 4.96 -16.50
C1' ADN B . 3.34 -2.80 -3.39
N9 ADN B . 4.28 -2.57 -3.14
C8 ADN B . 5.29 -3.43 -3.04
N7 ADN B . 6.04 -3.30 -1.97
C5 ADN B . 5.63 -2.05 -1.45
C6 ADN B . 5.91 -1.33 -0.24
N6 ADN B . 6.95 -1.50 0.56
N1 ADN B . 5.07 -0.36 0.10
C2 ADN B . 4.05 -0.07 -0.66
N3 ADN B . 3.71 -0.59 -1.86
C4 ADN B . 4.56 -1.61 -2.19
H8 ADN B . 5.40 -4.19 -3.81
HN61 ADN B . 7.58 -2.26 0.32
HN62 ADN B . 7.17 -0.89 1.33
H2 ADN B . 3.43 0.70 -0.24
#